data_2QA2
#
_entry.id   2QA2
#
_cell.length_a   133.100
_cell.length_b   133.100
_cell.length_c   166.800
_cell.angle_alpha   90.00
_cell.angle_beta   90.00
_cell.angle_gamma   120.00
#
_symmetry.space_group_name_H-M   'P 65 2 2'
#
loop_
_entity.id
_entity.type
_entity.pdbx_description
1 polymer 'Polyketide oxygenase CabE'
2 non-polymer 'FLAVIN-ADENINE DINUCLEOTIDE'
3 water water
#
_entity_poly.entity_id   1
_entity_poly.type   'polypeptide(L)'
_entity_poly.pdbx_seq_one_letter_code
;MAHHHHHHHRSDASVIVVGAGPAGLMLAGELRLGGVDVMVLEQLPQRTGESRGLGFTARTMEVFDQRGILPAFGPVETST
QGHFGGRPVDFGVLEGAHYGVKAVPQSTTESVLEEWALGRGAELLRGHTVRALTDEGDHVVVEVEGPDGPRSLTTRYVVG
CDGGRSTVRKAAGFDFPGTSASREMFLADIRGCEITPRPIGETVPLGMVMSAPLGDGVDRIIVCERGAPARRRTGPPPYQ
EVAAAWQRLTGQDISHGEPVWVSAFGDPARQVSAYRRGRVLLAGDSAHVHLPAGGQGMNVSVQDSVNLGWKLAAVVSGRA
PAGLLDTYHEERHPVGRRLLMNTQAQGMLFLSGDEMQPLRDVLSELIRYDEVSRHLAGMVSGLDIRYEVDGGDHPLLGMR
MPHQELVRAHGKTSTTELLHPARGVLLDIADDAEVREAATGWSDRVDIVTASLHDAPPQGPLSDARAVLVRPDGYVAWIS
PGSRAGLTEALDRWFGPAR
;
_entity_poly.pdbx_strand_id   A
#
loop_
_chem_comp.id
_chem_comp.type
_chem_comp.name
_chem_comp.formula
FAD non-polymer 'FLAVIN-ADENINE DINUCLEOTIDE' 'C27 H33 N9 O15 P2'
#
# COMPACT_ATOMS: atom_id res chain seq x y z
N SER A 11 -14.78 -8.39 -26.34
CA SER A 11 -13.98 -7.92 -25.15
C SER A 11 -14.57 -8.42 -23.82
N ASP A 12 -14.01 -9.51 -23.28
CA ASP A 12 -14.64 -10.25 -22.17
C ASP A 12 -14.82 -9.46 -20.88
N ALA A 13 -13.87 -8.55 -20.60
CA ALA A 13 -14.00 -7.60 -19.48
C ALA A 13 -13.22 -6.30 -19.76
N SER A 14 -13.62 -5.19 -19.12
CA SER A 14 -12.94 -3.92 -19.33
C SER A 14 -11.47 -3.98 -18.92
N VAL A 15 -11.23 -4.47 -17.70
CA VAL A 15 -9.90 -4.58 -17.14
C VAL A 15 -9.70 -5.99 -16.60
N ILE A 16 -8.56 -6.59 -16.91
CA ILE A 16 -8.18 -7.87 -16.30
C ILE A 16 -7.09 -7.61 -15.28
N VAL A 17 -7.38 -7.94 -14.01
CA VAL A 17 -6.37 -7.87 -12.96
C VAL A 17 -5.83 -9.28 -12.74
N VAL A 18 -4.51 -9.43 -12.78
CA VAL A 18 -3.93 -10.74 -12.48
C VAL A 18 -3.21 -10.78 -11.14
N GLY A 19 -3.69 -11.69 -10.32
CA GLY A 19 -3.18 -11.84 -8.97
C GLY A 19 -4.14 -11.22 -8.02
N ALA A 20 -4.54 -11.97 -7.00
CA ALA A 20 -5.57 -11.55 -6.05
C ALA A 20 -5.00 -11.46 -4.65
N GLY A 21 -3.87 -10.77 -4.52
CA GLY A 21 -3.36 -10.39 -3.22
C GLY A 21 -3.90 -9.03 -2.82
N PRO A 22 -3.34 -8.42 -1.76
CA PRO A 22 -3.80 -7.11 -1.28
C PRO A 22 -3.99 -6.15 -2.43
N ALA A 23 -2.92 -5.97 -3.23
CA ALA A 23 -2.89 -5.06 -4.36
C ALA A 23 -4.04 -5.28 -5.35
N GLY A 24 -4.09 -6.47 -5.94
CA GLY A 24 -5.20 -6.86 -6.84
C GLY A 24 -6.59 -6.76 -6.19
N LEU A 25 -6.76 -7.25 -4.97
CA LEU A 25 -8.11 -7.16 -4.37
C LEU A 25 -8.52 -5.71 -4.19
N MET A 26 -7.59 -4.87 -3.73
CA MET A 26 -7.90 -3.48 -3.46
C MET A 26 -8.32 -2.84 -4.78
N LEU A 27 -7.54 -3.09 -5.83
CA LEU A 27 -7.80 -2.49 -7.11
C LEU A 27 -9.16 -2.92 -7.68
N ALA A 28 -9.40 -4.23 -7.69
CA ALA A 28 -10.70 -4.77 -8.17
C ALA A 28 -11.86 -4.00 -7.53
N GLY A 29 -11.82 -3.84 -6.21
CA GLY A 29 -12.82 -3.01 -5.54
C GLY A 29 -12.88 -1.60 -6.08
N GLU A 30 -11.72 -0.93 -6.10
CA GLU A 30 -11.60 0.46 -6.51
C GLU A 30 -12.10 0.66 -7.92
N LEU A 31 -11.75 -0.28 -8.80
CA LEU A 31 -12.32 -0.29 -10.14
C LEU A 31 -13.87 -0.39 -10.21
N ARG A 32 -14.46 -1.23 -9.37
CA ARG A 32 -15.93 -1.43 -9.40
C ARG A 32 -16.63 -0.14 -9.00
N LEU A 33 -16.16 0.45 -7.91
CA LEU A 33 -16.70 1.73 -7.43
C LEU A 33 -16.60 2.77 -8.52
N GLY A 34 -15.55 2.65 -9.32
CA GLY A 34 -15.35 3.50 -10.49
C GLY A 34 -16.31 3.19 -11.62
N GLY A 35 -17.23 2.25 -11.39
CA GLY A 35 -18.26 1.88 -12.35
C GLY A 35 -17.72 1.09 -13.52
N VAL A 36 -16.95 0.04 -13.25
CA VAL A 36 -16.25 -0.68 -14.31
C VAL A 36 -16.22 -2.16 -13.97
N ASP A 37 -16.47 -3.00 -14.94
CA ASP A 37 -16.46 -4.44 -14.70
C ASP A 37 -15.01 -4.86 -14.68
N VAL A 38 -14.67 -5.85 -13.87
CA VAL A 38 -13.27 -6.22 -13.72
C VAL A 38 -13.14 -7.71 -13.47
N MET A 39 -12.01 -8.27 -13.89
CA MET A 39 -11.80 -9.70 -13.79
C MET A 39 -10.46 -9.98 -13.15
N VAL A 40 -10.48 -10.66 -12.01
CA VAL A 40 -9.25 -11.00 -11.32
C VAL A 40 -8.96 -12.48 -11.51
N LEU A 41 -7.77 -12.76 -12.03
CA LEU A 41 -7.28 -14.12 -12.20
C LEU A 41 -6.25 -14.38 -11.11
N GLU A 42 -6.50 -15.40 -10.28
CA GLU A 42 -5.53 -15.79 -9.25
C GLU A 42 -5.22 -17.26 -9.42
N GLN A 43 -3.93 -17.58 -9.38
CA GLN A 43 -3.48 -18.94 -9.67
C GLN A 43 -3.79 -19.89 -8.52
N LEU A 44 -3.66 -19.40 -7.30
CA LEU A 44 -4.03 -20.18 -6.12
C LEU A 44 -5.53 -20.46 -6.09
N PRO A 45 -5.91 -21.69 -5.75
CA PRO A 45 -7.34 -22.02 -5.62
C PRO A 45 -7.91 -21.56 -4.27
N GLN A 46 -7.09 -21.65 -3.23
CA GLN A 46 -7.47 -21.21 -1.89
C GLN A 46 -6.34 -20.35 -1.33
N ARG A 47 -6.67 -19.38 -0.47
CA ARG A 47 -5.65 -18.44 0.04
C ARG A 47 -4.51 -19.11 0.77
N THR A 48 -3.31 -18.53 0.60
CA THR A 48 -2.07 -19.10 1.14
C THR A 48 -2.25 -19.71 2.55
N GLY A 49 -2.41 -18.87 3.56
CA GLY A 49 -2.46 -19.32 4.96
C GLY A 49 -1.28 -18.74 5.71
N GLU A 50 -0.27 -18.34 4.95
CA GLU A 50 0.82 -17.53 5.46
C GLU A 50 0.27 -16.12 5.76
N SER A 51 0.84 -15.49 6.78
CA SER A 51 0.41 -14.16 7.20
C SER A 51 1.63 -13.32 7.54
N ARG A 52 2.39 -13.00 6.50
CA ARG A 52 3.70 -12.40 6.66
C ARG A 52 3.72 -11.14 7.53
N GLY A 53 3.20 -10.03 7.03
CA GLY A 53 3.11 -8.83 7.86
C GLY A 53 2.06 -8.87 8.95
N LEU A 54 2.29 -8.06 9.96
CA LEU A 54 1.39 -7.94 11.09
C LEU A 54 0.95 -6.48 11.30
N GLY A 55 -0.31 -6.21 10.98
CA GLY A 55 -0.89 -4.86 11.12
C GLY A 55 -0.67 -3.99 9.91
N PHE A 56 -1.24 -2.78 9.91
CA PHE A 56 -1.03 -1.85 8.79
C PHE A 56 -0.84 -0.39 9.20
N THR A 57 -0.31 0.42 8.28
CA THR A 57 0.07 1.80 8.58
C THR A 57 -1.13 2.75 8.66
N ALA A 58 -0.91 3.92 9.26
CA ALA A 58 -1.95 4.95 9.38
C ALA A 58 -2.73 5.20 8.10
N ARG A 59 -2.02 5.45 6.99
CA ARG A 59 -2.62 5.83 5.71
C ARG A 59 -3.40 4.66 5.12
N THR A 60 -2.88 3.44 5.30
CA THR A 60 -3.60 2.24 4.89
C THR A 60 -4.87 2.13 5.72
N MET A 61 -4.76 2.45 7.00
CA MET A 61 -5.94 2.48 7.80
C MET A 61 -6.92 3.46 7.16
N GLU A 62 -6.43 4.61 6.73
CA GLU A 62 -7.31 5.65 6.25
C GLU A 62 -7.92 5.33 4.90
N VAL A 63 -7.15 4.69 4.02
CA VAL A 63 -7.72 4.34 2.73
C VAL A 63 -8.79 3.27 2.84
N PHE A 64 -8.61 2.29 3.72
CA PHE A 64 -9.69 1.36 4.07
C PHE A 64 -10.92 2.10 4.55
N ASP A 65 -10.72 3.06 5.45
CA ASP A 65 -11.83 3.83 6.02
C ASP A 65 -12.57 4.73 5.02
N GLN A 66 -11.82 5.32 4.09
CA GLN A 66 -12.39 6.02 2.96
C GLN A 66 -13.57 5.27 2.33
N ARG A 67 -13.54 3.95 2.43
CA ARG A 67 -14.51 3.11 1.74
C ARG A 67 -15.44 2.27 2.64
N GLY A 68 -15.30 2.39 3.95
CA GLY A 68 -16.23 1.75 4.89
C GLY A 68 -15.90 0.30 5.16
N ILE A 69 -14.61 -0.01 5.06
CA ILE A 69 -14.10 -1.38 5.10
C ILE A 69 -13.63 -1.77 6.51
N LEU A 70 -13.36 -0.77 7.36
CA LEU A 70 -12.81 -1.05 8.68
C LEU A 70 -13.72 -1.84 9.60
N PRO A 71 -15.04 -1.63 9.54
CA PRO A 71 -15.86 -2.42 10.48
C PRO A 71 -15.70 -3.94 10.31
N ALA A 72 -15.42 -4.40 9.10
CA ALA A 72 -15.33 -5.83 8.81
C ALA A 72 -14.13 -6.50 9.53
N PHE A 73 -13.28 -5.68 10.13
CA PHE A 73 -12.02 -6.11 10.72
C PHE A 73 -12.20 -6.58 12.15
N GLY A 74 -13.39 -6.35 12.71
CA GLY A 74 -13.61 -6.56 14.15
C GLY A 74 -12.93 -5.46 14.97
N PRO A 75 -13.29 -5.35 16.27
CA PRO A 75 -12.74 -4.29 17.17
C PRO A 75 -11.22 -4.40 17.17
N VAL A 76 -10.55 -3.26 16.92
CA VAL A 76 -9.08 -3.23 16.76
C VAL A 76 -8.38 -2.04 17.46
N GLU A 77 -7.07 -2.16 17.63
CA GLU A 77 -6.32 -1.12 18.33
C GLU A 77 -5.29 -0.40 17.46
N THR A 78 -4.84 0.72 18.00
CA THR A 78 -3.94 1.64 17.32
C THR A 78 -3.02 2.29 18.35
N SER A 79 -1.71 2.14 18.15
CA SER A 79 -0.73 2.69 19.07
C SER A 79 0.10 3.80 18.43
N THR A 80 0.73 4.63 19.28
CA THR A 80 1.62 5.69 18.83
C THR A 80 3.09 5.30 18.97
N GLN A 81 3.33 4.25 19.75
CA GLN A 81 4.67 3.71 19.97
C GLN A 81 5.09 2.76 18.86
N GLY A 82 5.97 3.25 17.98
CA GLY A 82 6.60 2.44 16.96
C GLY A 82 8.06 2.82 16.80
N HIS A 83 8.72 2.21 15.82
CA HIS A 83 10.14 2.41 15.63
C HIS A 83 10.49 2.85 14.22
N PHE A 84 11.68 3.42 14.08
CA PHE A 84 12.34 3.45 12.79
C PHE A 84 13.57 2.55 12.85
N GLY A 85 13.44 1.36 12.27
CA GLY A 85 14.53 0.38 12.28
C GLY A 85 15.01 0.02 13.65
N GLY A 86 14.08 -0.34 14.54
CA GLY A 86 14.42 -0.70 15.91
C GLY A 86 14.38 0.46 16.89
N ARG A 87 14.67 1.66 16.39
CA ARG A 87 14.79 2.84 17.26
C ARG A 87 13.44 3.44 17.60
N PRO A 88 13.06 3.43 18.89
CA PRO A 88 11.70 3.84 19.22
C PRO A 88 11.44 5.27 18.78
N VAL A 89 10.35 5.44 18.04
CA VAL A 89 9.85 6.75 17.67
C VAL A 89 8.44 6.88 18.18
N ASP A 90 8.19 7.94 18.91
CA ASP A 90 6.85 8.30 19.28
C ASP A 90 6.24 9.01 18.07
N PHE A 91 5.26 8.35 17.43
CA PHE A 91 4.62 8.86 16.22
C PHE A 91 3.67 10.07 16.47
N GLY A 92 3.36 10.33 17.75
CA GLY A 92 2.52 11.47 18.14
C GLY A 92 3.00 12.82 17.64
N VAL A 93 4.31 13.06 17.73
CA VAL A 93 4.92 14.36 17.41
C VAL A 93 4.50 14.98 16.05
N LEU A 94 4.01 14.17 15.13
CA LEU A 94 3.41 14.69 13.89
C LEU A 94 1.90 14.80 14.04
N GLU A 95 1.39 16.04 14.07
CA GLU A 95 -0.04 16.26 14.29
C GLU A 95 -0.90 15.25 13.55
N GLY A 96 -1.70 14.52 14.33
CA GLY A 96 -2.63 13.51 13.84
C GLY A 96 -1.98 12.37 13.10
N ALA A 97 -0.98 11.75 13.72
CA ALA A 97 -0.33 10.54 13.17
C ALA A 97 -0.24 9.48 14.25
N HIS A 98 0.04 8.24 13.83
CA HIS A 98 0.24 7.11 14.74
C HIS A 98 0.81 5.96 13.96
N TYR A 99 1.11 4.86 14.66
CA TYR A 99 1.87 3.75 14.08
C TYR A 99 1.08 2.77 13.16
N GLY A 100 -0.16 2.47 13.56
CA GLY A 100 -1.05 1.69 12.72
C GLY A 100 -2.05 0.89 13.53
N VAL A 101 -2.64 -0.12 12.90
CA VAL A 101 -3.36 -1.17 13.63
C VAL A 101 -2.46 -2.38 13.88
N LYS A 102 -2.54 -2.92 15.10
CA LYS A 102 -1.37 -3.51 15.75
C LYS A 102 -1.09 -4.91 15.20
N ALA A 103 -2.06 -5.80 15.35
CA ALA A 103 -1.80 -7.23 15.25
C ALA A 103 -2.06 -7.75 13.84
N VAL A 104 -3.11 -7.23 13.21
CA VAL A 104 -3.76 -7.92 12.10
C VAL A 104 -2.82 -8.60 11.08
N PRO A 105 -2.93 -9.94 10.98
CA PRO A 105 -2.16 -10.72 10.01
C PRO A 105 -2.65 -10.45 8.58
N GLN A 106 -1.71 -10.35 7.64
CA GLN A 106 -2.00 -10.21 6.20
C GLN A 106 -3.13 -11.10 5.69
N SER A 107 -3.04 -12.39 6.00
CA SER A 107 -4.11 -13.36 5.72
C SER A 107 -5.50 -12.86 6.08
N THR A 108 -5.62 -12.10 7.16
CA THR A 108 -6.92 -11.57 7.54
C THR A 108 -7.24 -10.32 6.71
N THR A 109 -6.26 -9.41 6.56
CA THR A 109 -6.43 -8.31 5.60
C THR A 109 -6.86 -8.84 4.21
N GLU A 110 -6.16 -9.87 3.74
CA GLU A 110 -6.46 -10.43 2.40
C GLU A 110 -7.84 -11.02 2.37
N SER A 111 -8.17 -11.76 3.43
CA SER A 111 -9.51 -12.21 3.70
C SER A 111 -10.49 -11.06 3.59
N VAL A 112 -10.24 -10.00 4.35
CA VAL A 112 -11.20 -8.90 4.33
C VAL A 112 -11.43 -8.42 2.90
N LEU A 113 -10.34 -8.10 2.19
CA LEU A 113 -10.43 -7.39 0.92
C LEU A 113 -11.10 -8.21 -0.16
N GLU A 114 -10.72 -9.49 -0.25
CA GLU A 114 -11.53 -10.39 -1.07
C GLU A 114 -13.03 -10.17 -0.79
N GLU A 115 -13.50 -10.49 0.41
CA GLU A 115 -14.95 -10.36 0.75
C GLU A 115 -15.54 -9.03 0.30
N TRP A 116 -14.76 -7.96 0.40
CA TRP A 116 -15.16 -6.62 -0.04
C TRP A 116 -15.42 -6.60 -1.54
N ALA A 117 -14.35 -6.71 -2.33
CA ALA A 117 -14.45 -6.62 -3.79
C ALA A 117 -15.51 -7.54 -4.40
N LEU A 118 -15.67 -8.74 -3.85
CA LEU A 118 -16.78 -9.61 -4.29
C LEU A 118 -18.12 -8.95 -3.99
N GLY A 119 -18.22 -8.34 -2.81
CA GLY A 119 -19.37 -7.52 -2.46
C GLY A 119 -19.57 -6.40 -3.45
N ARG A 120 -18.46 -5.85 -3.95
CA ARG A 120 -18.51 -4.77 -4.94
C ARG A 120 -18.78 -5.27 -6.36
N GLY A 121 -19.03 -6.58 -6.48
CA GLY A 121 -19.38 -7.18 -7.75
C GLY A 121 -18.22 -7.37 -8.70
N ALA A 122 -17.03 -7.63 -8.17
CA ALA A 122 -15.89 -7.98 -9.01
C ALA A 122 -15.91 -9.47 -9.31
N GLU A 123 -15.41 -9.85 -10.48
CA GLU A 123 -15.33 -11.25 -10.86
C GLU A 123 -13.96 -11.86 -10.54
N LEU A 124 -13.94 -12.84 -9.64
CA LEU A 124 -12.69 -13.46 -9.22
C LEU A 124 -12.63 -14.88 -9.72
N LEU A 125 -11.60 -15.15 -10.51
CA LEU A 125 -11.41 -16.46 -11.10
C LEU A 125 -10.21 -17.11 -10.48
N ARG A 126 -10.45 -18.13 -9.68
CA ARG A 126 -9.38 -18.83 -8.98
C ARG A 126 -8.94 -20.06 -9.74
N GLY A 127 -7.72 -20.51 -9.50
CA GLY A 127 -7.14 -21.62 -10.24
C GLY A 127 -6.90 -21.22 -11.69
N HIS A 128 -6.68 -19.92 -11.90
CA HIS A 128 -6.45 -19.38 -13.23
C HIS A 128 -5.08 -18.74 -13.26
N THR A 129 -4.21 -19.28 -14.11
CA THR A 129 -2.80 -18.85 -14.17
C THR A 129 -2.55 -18.16 -15.50
N VAL A 130 -2.06 -16.93 -15.46
CA VAL A 130 -1.69 -16.24 -16.70
C VAL A 130 -0.32 -16.68 -17.13
N ARG A 131 -0.19 -17.07 -18.39
CA ARG A 131 1.07 -17.62 -18.89
C ARG A 131 1.73 -16.71 -19.92
N ALA A 132 0.91 -16.00 -20.70
CA ALA A 132 1.43 -15.02 -21.66
C ALA A 132 0.39 -13.97 -22.01
N LEU A 133 0.83 -12.89 -22.65
CA LEU A 133 -0.05 -11.81 -23.09
C LEU A 133 0.55 -10.94 -24.18
N THR A 134 -0.32 -10.39 -25.03
CA THR A 134 0.09 -9.47 -26.09
C THR A 134 -0.80 -8.23 -26.17
N ASP A 135 -0.16 -7.06 -26.17
CA ASP A 135 -0.85 -5.78 -26.35
C ASP A 135 -0.91 -5.54 -27.84
N GLU A 136 -2.13 -5.55 -28.38
CA GLU A 136 -2.35 -5.46 -29.81
C GLU A 136 -2.59 -4.02 -30.29
N GLY A 137 -2.60 -3.07 -29.36
CA GLY A 137 -2.77 -1.66 -29.71
C GLY A 137 -4.07 -1.11 -29.16
N ASP A 138 -5.17 -1.52 -29.79
CA ASP A 138 -6.50 -1.15 -29.31
C ASP A 138 -6.93 -2.00 -28.11
N HIS A 139 -6.31 -3.17 -27.93
CA HIS A 139 -6.68 -4.06 -26.82
C HIS A 139 -5.54 -4.97 -26.43
N VAL A 140 -5.78 -5.84 -25.45
CA VAL A 140 -4.79 -6.81 -24.97
C VAL A 140 -5.38 -8.21 -24.86
N VAL A 141 -4.62 -9.21 -25.30
CA VAL A 141 -5.00 -10.62 -25.23
C VAL A 141 -4.26 -11.28 -24.06
N VAL A 142 -4.88 -12.28 -23.42
CA VAL A 142 -4.23 -12.96 -22.28
C VAL A 142 -4.44 -14.47 -22.27
N GLU A 143 -3.34 -15.21 -22.32
CA GLU A 143 -3.35 -16.67 -22.27
C GLU A 143 -3.51 -17.16 -20.82
N VAL A 144 -4.45 -18.08 -20.60
CA VAL A 144 -4.77 -18.52 -19.25
C VAL A 144 -4.99 -20.02 -19.13
N GLU A 145 -4.21 -20.66 -18.26
CA GLU A 145 -4.44 -22.04 -17.89
C GLU A 145 -5.34 -22.07 -16.65
N GLY A 146 -6.60 -22.44 -16.86
CA GLY A 146 -7.58 -22.59 -15.77
C GLY A 146 -7.97 -24.04 -15.49
N PRO A 147 -9.01 -24.25 -14.66
CA PRO A 147 -9.48 -25.58 -14.24
C PRO A 147 -9.84 -26.50 -15.41
N ASP A 148 -10.59 -26.00 -16.38
CA ASP A 148 -11.02 -26.80 -17.53
C ASP A 148 -10.05 -26.74 -18.71
N GLY A 149 -9.06 -25.83 -18.61
CA GLY A 149 -7.98 -25.79 -19.59
C GLY A 149 -7.48 -24.39 -19.96
N PRO A 150 -6.84 -24.30 -21.16
CA PRO A 150 -6.28 -23.05 -21.65
C PRO A 150 -7.31 -22.24 -22.42
N ARG A 151 -7.43 -20.97 -22.05
CA ARG A 151 -8.39 -20.06 -22.67
C ARG A 151 -7.66 -18.82 -23.17
N SER A 152 -8.33 -18.01 -23.97
CA SER A 152 -7.76 -16.76 -24.44
C SER A 152 -8.76 -15.66 -24.24
N LEU A 153 -8.37 -14.66 -23.46
CA LEU A 153 -9.27 -13.58 -23.12
C LEU A 153 -8.82 -12.25 -23.73
N THR A 154 -9.75 -11.34 -23.87
CA THR A 154 -9.48 -10.04 -24.46
C THR A 154 -10.00 -8.95 -23.54
N THR A 155 -9.20 -7.88 -23.39
CA THR A 155 -9.54 -6.75 -22.53
C THR A 155 -8.93 -5.45 -23.00
N ARG A 156 -9.38 -4.35 -22.42
CA ARG A 156 -8.88 -3.02 -22.73
C ARG A 156 -7.65 -2.64 -21.90
N TYR A 157 -7.58 -3.12 -20.65
CA TYR A 157 -6.35 -2.99 -19.82
C TYR A 157 -6.05 -4.24 -19.00
N VAL A 158 -4.76 -4.52 -18.83
CA VAL A 158 -4.30 -5.59 -17.93
C VAL A 158 -3.41 -4.95 -16.88
N VAL A 159 -3.65 -5.30 -15.61
CA VAL A 159 -2.80 -4.81 -14.52
C VAL A 159 -2.13 -5.96 -13.78
N GLY A 160 -0.80 -5.98 -13.88
CA GLY A 160 0.01 -6.94 -13.19
C GLY A 160 0.01 -6.68 -11.70
N CYS A 161 -0.73 -7.52 -10.97
CA CYS A 161 -0.73 -7.53 -9.52
C CYS A 161 -0.31 -8.91 -9.02
N ASP A 162 0.63 -9.50 -9.75
CA ASP A 162 1.04 -10.89 -9.54
C ASP A 162 2.33 -11.06 -8.75
N GLY A 163 2.64 -10.10 -7.88
CA GLY A 163 3.70 -10.27 -6.87
C GLY A 163 5.12 -10.09 -7.34
N GLY A 164 6.07 -10.45 -6.48
CA GLY A 164 7.50 -10.24 -6.72
C GLY A 164 8.09 -10.82 -8.00
N ARG A 165 7.67 -12.01 -8.37
CA ARG A 165 8.16 -12.60 -9.61
C ARG A 165 7.10 -12.44 -10.71
N SER A 166 6.46 -11.29 -10.79
CA SER A 166 5.36 -11.07 -11.73
C SER A 166 5.53 -11.68 -13.14
N THR A 167 4.61 -12.56 -13.52
CA THR A 167 4.55 -13.09 -14.89
C THR A 167 4.26 -11.95 -15.85
N VAL A 168 3.31 -11.10 -15.48
CA VAL A 168 2.87 -10.00 -16.32
C VAL A 168 4.04 -9.11 -16.75
N ARG A 169 4.82 -8.67 -15.77
CA ARG A 169 5.92 -7.75 -15.97
C ARG A 169 6.93 -8.28 -16.98
N LYS A 170 7.21 -9.58 -16.89
CA LYS A 170 8.11 -10.24 -17.82
C LYS A 170 7.46 -10.34 -19.19
N ALA A 171 6.17 -10.70 -19.18
CA ALA A 171 5.41 -10.89 -20.41
C ALA A 171 5.33 -9.60 -21.21
N ALA A 172 4.80 -8.55 -20.60
CA ALA A 172 4.67 -7.26 -21.27
C ALA A 172 6.01 -6.54 -21.53
N GLY A 173 7.13 -7.16 -21.17
CA GLY A 173 8.47 -6.62 -21.42
C GLY A 173 8.92 -5.40 -20.59
N PHE A 174 8.59 -5.36 -19.31
CA PHE A 174 9.01 -4.23 -18.46
C PHE A 174 10.52 -4.20 -18.23
N ASP A 175 11.03 -3.12 -17.64
CA ASP A 175 12.46 -2.99 -17.29
C ASP A 175 12.48 -3.18 -15.81
N PHE A 176 13.37 -4.00 -15.26
CA PHE A 176 13.29 -4.22 -13.83
C PHE A 176 14.63 -4.02 -13.16
N PRO A 177 15.15 -2.77 -13.21
CA PRO A 177 16.51 -2.52 -12.78
C PRO A 177 16.64 -2.54 -11.27
N GLY A 178 17.84 -2.85 -10.79
CA GLY A 178 18.06 -2.91 -9.36
C GLY A 178 19.08 -4.00 -9.10
N THR A 179 19.10 -4.48 -7.87
CA THR A 179 20.01 -5.57 -7.55
C THR A 179 19.22 -6.74 -7.00
N SER A 180 19.66 -7.94 -7.38
CA SER A 180 19.12 -9.15 -6.80
C SER A 180 19.61 -9.29 -5.36
N ALA A 181 19.09 -10.27 -4.63
CA ALA A 181 19.40 -10.37 -3.21
C ALA A 181 20.85 -10.82 -3.01
N SER A 182 21.41 -10.43 -1.87
CA SER A 182 22.72 -10.93 -1.48
C SER A 182 22.73 -11.79 -0.21
N ARG A 183 21.78 -11.58 0.70
CA ARG A 183 21.65 -12.44 1.88
CA ARG A 183 21.67 -12.43 1.89
C ARG A 183 20.55 -13.47 1.71
N GLU A 184 20.51 -14.43 2.62
CA GLU A 184 19.32 -15.25 2.84
C GLU A 184 19.04 -15.14 4.33
N MET A 185 17.80 -14.79 4.66
CA MET A 185 17.33 -14.78 6.03
C MET A 185 16.28 -15.86 6.15
N PHE A 186 16.03 -16.32 7.38
CA PHE A 186 14.95 -17.26 7.65
C PHE A 186 13.84 -16.64 8.51
N LEU A 187 12.60 -17.03 8.23
CA LEU A 187 11.48 -16.75 9.14
C LEU A 187 10.73 -18.04 9.48
N ALA A 188 10.52 -18.28 10.76
CA ALA A 188 9.69 -19.42 11.20
C ALA A 188 8.66 -19.04 12.25
N ASP A 189 7.46 -19.59 12.08
CA ASP A 189 6.41 -19.55 13.10
C ASP A 189 6.30 -20.92 13.78
N ILE A 190 6.79 -20.98 15.03
CA ILE A 190 6.91 -22.25 15.74
C ILE A 190 5.90 -22.44 16.88
N ARG A 191 5.64 -23.70 17.22
CA ARG A 191 4.89 -24.05 18.44
C ARG A 191 5.77 -24.72 19.50
N GLY A 192 5.22 -24.81 20.73
CA GLY A 192 5.88 -25.56 21.81
C GLY A 192 7.05 -24.92 22.52
N CYS A 193 8.05 -24.45 21.76
CA CYS A 193 9.29 -23.94 22.35
C CYS A 193 9.10 -22.66 23.16
N GLU A 194 9.99 -22.49 24.14
CA GLU A 194 9.88 -21.40 25.11
C GLU A 194 10.95 -20.38 24.75
N ILE A 195 10.62 -19.50 23.81
CA ILE A 195 11.57 -18.62 23.12
C ILE A 195 11.40 -17.17 23.55
N THR A 196 12.50 -16.52 23.90
CA THR A 196 12.46 -15.14 24.39
C THR A 196 12.00 -14.11 23.33
N PRO A 197 11.20 -13.11 23.76
CA PRO A 197 10.89 -11.93 22.93
C PRO A 197 12.14 -11.11 22.56
N ARG A 198 12.17 -10.62 21.32
CA ARG A 198 13.23 -9.76 20.78
C ARG A 198 12.61 -8.86 19.72
N PRO A 199 11.75 -7.91 20.15
CA PRO A 199 11.05 -7.05 19.19
C PRO A 199 12.02 -6.19 18.37
N ILE A 200 13.02 -5.63 19.06
CA ILE A 200 14.10 -4.86 18.42
C ILE A 200 15.14 -5.81 17.82
N GLY A 201 15.02 -7.10 18.12
CA GLY A 201 16.03 -8.08 17.72
C GLY A 201 17.17 -8.07 18.72
N GLU A 202 18.30 -8.68 18.35
CA GLU A 202 19.47 -8.80 19.24
C GLU A 202 20.68 -9.26 18.47
N THR A 203 21.81 -8.61 18.69
CA THR A 203 23.02 -8.96 17.98
C THR A 203 23.73 -10.08 18.69
N VAL A 204 23.97 -11.18 17.98
CA VAL A 204 24.82 -12.25 18.53
C VAL A 204 26.06 -12.43 17.62
N PRO A 205 27.25 -12.60 18.21
CA PRO A 205 28.47 -12.65 17.40
C PRO A 205 28.27 -13.09 15.94
N LEU A 206 27.52 -14.18 15.74
CA LEU A 206 27.34 -14.72 14.39
C LEU A 206 26.29 -14.03 13.49
N GLY A 207 25.86 -12.83 13.85
CA GLY A 207 24.85 -12.09 13.06
C GLY A 207 23.79 -11.34 13.85
N MET A 208 22.51 -11.61 13.55
CA MET A 208 21.41 -11.13 14.39
C MET A 208 20.18 -12.04 14.36
N VAL A 209 19.39 -11.98 15.44
CA VAL A 209 18.10 -12.65 15.52
C VAL A 209 17.00 -11.69 15.96
N MET A 210 15.77 -12.02 15.63
CA MET A 210 14.65 -11.39 16.30
C MET A 210 13.51 -12.38 16.59
N SER A 211 12.58 -11.94 17.44
CA SER A 211 11.48 -12.79 17.90
C SER A 211 10.38 -12.03 18.61
N ALA A 212 9.14 -12.41 18.34
CA ALA A 212 8.00 -11.82 19.01
C ALA A 212 6.99 -12.93 19.25
N PRO A 213 6.09 -12.71 20.21
CA PRO A 213 4.94 -13.59 20.41
C PRO A 213 3.76 -13.18 19.54
N LEU A 214 3.01 -14.16 19.04
CA LEU A 214 1.71 -13.90 18.43
C LEU A 214 0.69 -14.96 18.82
N GLY A 215 0.40 -15.05 20.11
CA GLY A 215 -0.94 -14.83 20.61
C GLY A 215 -1.61 -16.12 21.07
N ASP A 216 -1.64 -17.11 20.19
CA ASP A 216 -2.08 -18.44 20.56
C ASP A 216 -1.00 -19.49 20.30
N GLY A 217 -0.06 -19.60 21.23
CA GLY A 217 0.93 -20.67 21.19
C GLY A 217 2.05 -20.49 20.19
N VAL A 218 2.02 -19.40 19.41
CA VAL A 218 2.95 -19.28 18.28
C VAL A 218 3.95 -18.12 18.37
N ASP A 219 5.24 -18.45 18.34
CA ASP A 219 6.26 -17.39 18.21
C ASP A 219 6.83 -17.28 16.80
N ARG A 220 7.08 -16.04 16.38
CA ARG A 220 7.88 -15.77 15.19
C ARG A 220 9.34 -15.65 15.54
N ILE A 221 10.19 -16.40 14.84
CA ILE A 221 11.63 -16.12 14.83
C ILE A 221 12.13 -15.58 13.48
N ILE A 222 13.03 -14.61 13.53
CA ILE A 222 13.76 -14.23 12.32
C ILE A 222 15.25 -14.45 12.54
N VAL A 223 15.90 -15.11 11.60
CA VAL A 223 17.35 -15.31 11.71
C VAL A 223 18.16 -14.72 10.53
N CYS A 224 19.34 -14.17 10.86
CA CYS A 224 20.26 -13.60 9.88
C CYS A 224 21.67 -14.07 10.14
N GLU A 225 22.02 -15.24 9.61
CA GLU A 225 23.38 -15.76 9.68
C GLU A 225 24.27 -14.98 8.69
N ARG A 226 25.22 -14.22 9.23
CA ARG A 226 25.90 -13.14 8.49
C ARG A 226 26.38 -13.45 7.07
N GLY A 227 27.08 -14.56 6.90
CA GLY A 227 27.59 -14.93 5.58
C GLY A 227 26.64 -15.63 4.62
N ALA A 228 25.40 -15.92 5.04
CA ALA A 228 24.51 -16.74 4.21
C ALA A 228 24.38 -16.14 2.82
N PRO A 229 24.72 -16.93 1.77
CA PRO A 229 24.52 -16.45 0.39
C PRO A 229 23.05 -16.49 -0.01
N ALA A 230 22.72 -15.84 -1.11
CA ALA A 230 21.36 -15.91 -1.59
C ALA A 230 21.20 -17.16 -2.46
N ARG A 231 20.10 -17.89 -2.26
CA ARG A 231 19.78 -19.04 -3.11
C ARG A 231 18.35 -19.04 -3.62
N ARG A 232 18.18 -19.38 -4.90
CA ARG A 232 16.86 -19.69 -5.45
C ARG A 232 16.51 -21.11 -5.02
N ARG A 233 15.27 -21.30 -4.56
CA ARG A 233 14.85 -22.59 -4.02
C ARG A 233 13.45 -22.98 -4.49
N THR A 234 13.20 -24.29 -4.56
CA THR A 234 11.86 -24.81 -4.78
C THR A 234 11.22 -25.08 -3.43
N GLY A 235 10.20 -24.30 -3.11
CA GLY A 235 9.52 -24.39 -1.83
C GLY A 235 10.31 -23.87 -0.64
N PRO A 236 9.70 -23.90 0.55
CA PRO A 236 10.35 -23.38 1.74
C PRO A 236 11.61 -24.19 2.11
N PRO A 237 12.47 -23.65 3.00
CA PRO A 237 13.51 -24.49 3.53
C PRO A 237 12.92 -25.53 4.47
N PRO A 238 13.55 -26.72 4.55
CA PRO A 238 13.10 -27.70 5.55
C PRO A 238 13.30 -27.12 6.96
N TYR A 239 12.37 -27.39 7.87
CA TYR A 239 12.40 -26.74 9.19
C TYR A 239 13.73 -26.92 9.91
N GLN A 240 14.20 -28.17 9.97
CA GLN A 240 15.44 -28.51 10.67
C GLN A 240 16.65 -27.73 10.16
N GLU A 241 16.58 -27.19 8.95
CA GLU A 241 17.64 -26.35 8.45
C GLU A 241 17.63 -24.99 9.16
N VAL A 242 16.45 -24.38 9.29
CA VAL A 242 16.29 -23.15 10.08
C VAL A 242 16.67 -23.41 11.52
N ALA A 243 16.18 -24.52 12.07
CA ALA A 243 16.47 -24.83 13.47
C ALA A 243 18.00 -24.87 13.64
N ALA A 244 18.67 -25.72 12.89
CA ALA A 244 20.14 -25.76 12.85
C ALA A 244 20.76 -24.35 12.83
N ALA A 245 20.14 -23.45 12.06
CA ALA A 245 20.63 -22.07 11.97
C ALA A 245 20.47 -21.35 13.30
N TRP A 246 19.29 -21.48 13.89
CA TRP A 246 19.01 -20.90 15.21
C TRP A 246 19.97 -21.34 16.35
N GLN A 247 20.44 -22.59 16.35
CA GLN A 247 21.38 -23.03 17.41
C GLN A 247 22.75 -22.43 17.17
N ARG A 248 23.22 -22.56 15.93
CA ARG A 248 24.50 -21.99 15.55
C ARG A 248 24.57 -20.49 15.84
N LEU A 249 23.40 -19.88 16.05
CA LEU A 249 23.35 -18.49 16.45
C LEU A 249 23.05 -18.19 17.92
N THR A 250 22.09 -18.88 18.52
CA THR A 250 21.65 -18.52 19.87
C THR A 250 22.14 -19.47 20.95
N GLY A 251 22.54 -20.66 20.53
CA GLY A 251 22.91 -21.71 21.47
C GLY A 251 21.65 -22.34 22.02
N GLN A 252 20.58 -22.29 21.24
CA GLN A 252 19.32 -22.91 21.64
C GLN A 252 18.94 -24.00 20.64
N ASP A 253 18.58 -25.15 21.18
CA ASP A 253 18.09 -26.25 20.36
C ASP A 253 16.58 -26.10 20.21
N ILE A 254 16.13 -25.96 18.98
CA ILE A 254 14.69 -25.98 18.69
C ILE A 254 14.32 -27.11 17.73
N SER A 255 14.96 -28.26 17.93
CA SER A 255 14.59 -29.51 17.26
C SER A 255 13.12 -29.81 17.50
N HIS A 256 12.74 -29.82 18.78
CA HIS A 256 11.41 -30.23 19.26
C HIS A 256 10.25 -29.36 18.77
N GLY A 257 10.58 -28.24 18.12
CA GLY A 257 9.59 -27.31 17.62
C GLY A 257 8.73 -27.87 16.51
N GLU A 258 7.43 -27.58 16.59
CA GLU A 258 6.49 -27.93 15.53
C GLU A 258 6.11 -26.67 14.73
N PRO A 259 6.58 -26.58 13.47
CA PRO A 259 6.41 -25.42 12.60
C PRO A 259 4.99 -25.28 12.09
N VAL A 260 4.58 -24.04 11.82
CA VAL A 260 3.30 -23.75 11.19
C VAL A 260 3.59 -23.22 9.80
N TRP A 261 4.53 -22.29 9.73
CA TRP A 261 5.01 -21.79 8.47
C TRP A 261 6.50 -21.56 8.53
N VAL A 262 7.18 -21.89 7.44
CA VAL A 262 8.62 -21.76 7.36
C VAL A 262 8.95 -21.23 5.98
N SER A 263 9.82 -20.24 5.91
CA SER A 263 10.19 -19.67 4.62
C SER A 263 11.51 -18.93 4.65
N ALA A 264 12.11 -18.82 3.48
CA ALA A 264 13.30 -18.00 3.29
C ALA A 264 12.92 -16.76 2.53
N PHE A 265 13.74 -15.73 2.65
CA PHE A 265 13.49 -14.43 2.02
C PHE A 265 14.81 -13.63 1.98
N GLY A 266 14.84 -12.50 1.29
CA GLY A 266 16.13 -11.81 1.03
C GLY A 266 16.12 -10.30 0.92
N ASP A 267 17.21 -9.76 0.38
CA ASP A 267 17.38 -8.32 0.34
C ASP A 267 17.49 -7.70 -1.05
N PRO A 268 16.54 -7.98 -1.96
CA PRO A 268 16.70 -7.38 -3.29
C PRO A 268 16.32 -5.91 -3.32
N ALA A 269 16.57 -5.23 -4.44
CA ALA A 269 16.22 -3.83 -4.60
C ALA A 269 16.07 -3.53 -6.09
N ARG A 270 14.84 -3.63 -6.57
CA ARG A 270 14.52 -3.47 -7.98
C ARG A 270 13.14 -2.87 -8.06
N GLN A 271 12.93 -2.14 -9.15
CA GLN A 271 11.73 -1.35 -9.36
C GLN A 271 11.62 -1.04 -10.85
N VAL A 272 10.48 -1.36 -11.44
CA VAL A 272 10.25 -1.11 -12.86
C VAL A 272 10.51 0.37 -13.21
N SER A 273 11.17 0.62 -14.33
CA SER A 273 11.53 1.99 -14.67
C SER A 273 10.30 2.73 -15.22
N ALA A 274 9.32 2.00 -15.71
CA ALA A 274 8.05 2.59 -16.09
C ALA A 274 6.87 1.79 -15.50
N TYR A 275 5.94 2.48 -14.84
CA TYR A 275 4.78 1.85 -14.22
C TYR A 275 3.72 1.43 -15.24
N ARG A 276 3.80 1.97 -16.46
CA ARG A 276 2.86 1.64 -17.53
C ARG A 276 3.57 1.52 -18.87
N ARG A 277 3.15 0.54 -19.68
CA ARG A 277 3.61 0.39 -21.06
C ARG A 277 2.39 0.16 -21.90
N GLY A 278 2.21 0.99 -22.92
CA GLY A 278 1.01 0.90 -23.70
C GLY A 278 -0.15 0.71 -22.73
N ARG A 279 -0.80 -0.45 -22.82
CA ARG A 279 -2.07 -0.72 -22.13
C ARG A 279 -1.93 -1.72 -20.98
N VAL A 280 -0.70 -1.91 -20.50
CA VAL A 280 -0.43 -2.81 -19.38
C VAL A 280 0.19 -2.04 -18.22
N LEU A 281 -0.25 -2.34 -17.00
CA LEU A 281 0.19 -1.60 -15.83
C LEU A 281 0.63 -2.53 -14.74
N LEU A 282 1.37 -2.03 -13.78
CA LEU A 282 1.81 -2.85 -12.66
C LEU A 282 1.54 -2.12 -11.39
N ALA A 283 1.27 -2.89 -10.34
CA ALA A 283 0.92 -2.35 -9.05
C ALA A 283 1.27 -3.38 -7.97
N GLY A 284 1.78 -2.89 -6.83
CA GLY A 284 2.27 -3.76 -5.76
C GLY A 284 3.63 -4.36 -6.03
N ASP A 285 3.88 -5.47 -5.33
CA ASP A 285 5.21 -6.11 -5.41
C ASP A 285 5.78 -6.18 -6.82
N SER A 286 4.91 -6.37 -7.80
CA SER A 286 5.31 -6.56 -9.17
C SER A 286 6.09 -5.37 -9.72
N ALA A 287 5.89 -4.19 -9.12
CA ALA A 287 6.56 -2.98 -9.60
C ALA A 287 7.82 -2.64 -8.81
N HIS A 288 7.88 -3.07 -7.57
CA HIS A 288 8.93 -2.70 -6.65
C HIS A 288 9.12 -3.85 -5.61
N VAL A 289 10.33 -4.42 -5.59
CA VAL A 289 10.62 -5.55 -4.75
C VAL A 289 11.80 -5.16 -3.88
N HIS A 290 11.76 -5.59 -2.63
CA HIS A 290 12.71 -5.07 -1.64
C HIS A 290 12.84 -6.00 -0.44
N LEU A 291 13.75 -5.65 0.47
CA LEU A 291 13.87 -6.32 1.75
C LEU A 291 12.60 -6.09 2.63
N PRO A 292 11.94 -7.16 3.12
CA PRO A 292 10.80 -6.89 4.06
C PRO A 292 11.22 -6.34 5.44
N ALA A 293 11.01 -5.03 5.65
CA ALA A 293 11.56 -4.31 6.81
C ALA A 293 10.84 -2.99 7.04
N GLY A 294 10.35 -2.78 8.27
CA GLY A 294 9.59 -1.58 8.60
C GLY A 294 8.15 -1.66 8.10
N GLY A 295 7.70 -2.89 7.81
CA GLY A 295 6.35 -3.14 7.32
C GLY A 295 5.82 -2.15 6.29
N GLN A 296 6.09 -2.42 5.02
CA GLN A 296 5.78 -1.48 3.97
C GLN A 296 5.16 -2.13 2.77
N GLY A 297 5.73 -3.27 2.39
CA GLY A 297 5.27 -4.01 1.24
C GLY A 297 3.76 -3.91 1.03
N MET A 298 2.99 -4.52 1.94
CA MET A 298 1.53 -4.50 1.76
C MET A 298 1.00 -3.08 1.64
N ASN A 299 1.29 -2.27 2.66
CA ASN A 299 0.80 -0.89 2.70
C ASN A 299 1.03 -0.10 1.41
N VAL A 300 2.29 0.03 0.96
CA VAL A 300 2.58 0.85 -0.20
C VAL A 300 1.88 0.26 -1.42
N SER A 301 1.81 -1.08 -1.51
CA SER A 301 1.13 -1.73 -2.65
C SER A 301 -0.35 -1.40 -2.70
N VAL A 302 -1.06 -1.64 -1.56
CA VAL A 302 -2.46 -1.35 -1.43
C VAL A 302 -2.70 0.08 -1.86
N GLN A 303 -1.84 0.98 -1.42
CA GLN A 303 -1.88 2.38 -1.87
C GLN A 303 -1.62 2.65 -3.36
N ASP A 304 -0.81 1.83 -4.01
CA ASP A 304 -0.69 1.92 -5.48
C ASP A 304 -2.03 1.68 -6.14
N SER A 305 -2.75 0.71 -5.60
CA SER A 305 -4.02 0.34 -6.18
C SER A 305 -4.99 1.46 -5.99
N VAL A 306 -4.88 2.15 -4.86
CA VAL A 306 -5.81 3.24 -4.60
C VAL A 306 -5.47 4.47 -5.45
N ASN A 307 -4.21 4.62 -5.83
CA ASN A 307 -3.86 5.68 -6.72
C ASN A 307 -4.45 5.41 -8.08
N LEU A 308 -4.29 4.16 -8.56
CA LEU A 308 -4.66 3.78 -9.93
C LEU A 308 -6.17 3.55 -10.22
N GLY A 309 -6.79 2.65 -9.48
CA GLY A 309 -8.24 2.39 -9.57
C GLY A 309 -9.16 3.46 -10.13
N TRP A 310 -9.32 4.57 -9.42
CA TRP A 310 -10.25 5.61 -9.86
C TRP A 310 -9.80 6.20 -11.20
N LYS A 311 -8.51 6.47 -11.33
CA LYS A 311 -7.95 7.00 -12.55
C LYS A 311 -8.31 6.09 -13.73
N LEU A 312 -7.95 4.80 -13.62
CA LEU A 312 -8.20 3.83 -14.71
C LEU A 312 -9.68 3.77 -15.05
N ALA A 313 -10.51 3.73 -14.00
CA ALA A 313 -11.97 3.72 -14.16
C ALA A 313 -12.37 4.85 -15.08
N ALA A 314 -11.84 6.03 -14.82
CA ALA A 314 -12.17 7.20 -15.63
C ALA A 314 -11.81 7.03 -17.11
N VAL A 315 -10.59 6.57 -17.39
CA VAL A 315 -10.12 6.41 -18.77
C VAL A 315 -10.90 5.32 -19.53
N VAL A 316 -11.05 4.15 -18.90
CA VAL A 316 -11.78 3.03 -19.49
C VAL A 316 -13.14 3.46 -20.02
N SER A 317 -13.86 4.28 -19.25
CA SER A 317 -15.25 4.67 -19.59
C SER A 317 -15.37 5.96 -20.40
N GLY A 318 -14.23 6.49 -20.84
CA GLY A 318 -14.20 7.63 -21.76
C GLY A 318 -14.53 8.93 -21.08
N ARG A 319 -14.50 8.92 -19.75
CA ARG A 319 -14.79 10.10 -18.94
C ARG A 319 -13.55 10.99 -18.77
N ALA A 320 -12.36 10.41 -18.93
CA ALA A 320 -11.11 11.18 -18.79
C ALA A 320 -10.17 10.94 -19.96
N PRO A 321 -9.39 11.96 -20.32
CA PRO A 321 -8.40 11.75 -21.38
C PRO A 321 -7.25 10.90 -20.84
N ALA A 322 -6.73 10.00 -21.67
CA ALA A 322 -5.74 9.01 -21.24
C ALA A 322 -4.59 9.64 -20.44
N GLY A 323 -4.40 10.95 -20.64
CA GLY A 323 -3.42 11.73 -19.87
C GLY A 323 -3.53 11.63 -18.36
N LEU A 324 -4.73 11.41 -17.84
CA LEU A 324 -4.95 11.19 -16.40
C LEU A 324 -4.24 9.93 -15.92
N LEU A 325 -4.18 8.92 -16.77
CA LEU A 325 -3.58 7.64 -16.40
C LEU A 325 -2.07 7.72 -16.23
N ASP A 326 -1.40 8.63 -16.93
CA ASP A 326 0.04 8.78 -16.79
C ASP A 326 0.38 9.17 -15.38
N THR A 327 -0.47 9.98 -14.76
CA THR A 327 -0.23 10.42 -13.39
C THR A 327 -0.04 9.25 -12.41
N TYR A 328 -0.58 8.08 -12.77
CA TYR A 328 -0.33 6.92 -11.93
C TYR A 328 1.17 6.65 -11.82
N HIS A 329 1.85 6.57 -12.97
CA HIS A 329 3.31 6.55 -12.95
C HIS A 329 3.89 7.75 -12.22
N GLU A 330 3.60 8.95 -12.67
CA GLU A 330 4.29 10.13 -12.14
C GLU A 330 4.17 10.26 -10.61
N GLU A 331 3.03 9.81 -10.09
CA GLU A 331 2.77 9.96 -8.67
C GLU A 331 3.36 8.84 -7.85
N ARG A 332 3.51 7.67 -8.46
CA ARG A 332 3.86 6.48 -7.68
C ARG A 332 5.28 5.95 -7.82
N HIS A 333 5.89 6.11 -8.99
CA HIS A 333 7.27 5.69 -9.10
C HIS A 333 8.07 6.34 -7.95
N PRO A 334 7.97 7.66 -7.80
CA PRO A 334 8.60 8.32 -6.64
C PRO A 334 8.36 7.64 -5.29
N VAL A 335 7.10 7.32 -4.96
CA VAL A 335 6.77 6.65 -3.69
C VAL A 335 7.42 5.28 -3.59
N GLY A 336 7.33 4.48 -4.65
CA GLY A 336 7.98 3.19 -4.68
C GLY A 336 9.48 3.29 -4.56
N ARG A 337 10.04 4.35 -5.15
CA ARG A 337 11.47 4.55 -5.02
C ARG A 337 11.83 4.79 -3.55
N ARG A 338 11.06 5.65 -2.91
CA ARG A 338 11.29 5.95 -1.52
C ARG A 338 11.04 4.72 -0.63
N LEU A 339 10.18 3.83 -1.11
CA LEU A 339 9.96 2.56 -0.46
C LEU A 339 11.25 1.76 -0.44
N LEU A 340 11.94 1.69 -1.57
CA LEU A 340 13.23 0.98 -1.56
C LEU A 340 14.18 1.64 -0.59
N MET A 341 14.19 2.98 -0.59
CA MET A 341 15.13 3.73 0.25
C MET A 341 14.81 3.53 1.73
N ASN A 342 13.57 3.82 2.09
CA ASN A 342 13.08 3.62 3.46
C ASN A 342 13.41 2.22 3.96
N THR A 343 13.09 1.24 3.17
CA THR A 343 13.06 -0.11 3.67
C THR A 343 14.47 -0.67 3.81
N GLN A 344 15.33 -0.38 2.84
CA GLN A 344 16.71 -0.88 2.89
C GLN A 344 17.49 -0.21 4.01
N ALA A 345 17.27 1.09 4.21
CA ALA A 345 17.82 1.82 5.35
C ALA A 345 17.43 1.13 6.65
N GLN A 346 16.13 1.01 6.85
CA GLN A 346 15.58 0.45 8.07
C GLN A 346 16.18 -0.93 8.34
N GLY A 347 16.36 -1.71 7.28
CA GLY A 347 16.82 -3.08 7.41
C GLY A 347 18.27 -3.18 7.79
N MET A 348 19.06 -2.24 7.28
CA MET A 348 20.49 -2.17 7.51
C MET A 348 20.74 -1.82 8.98
N LEU A 349 19.94 -0.93 9.57
CA LEU A 349 20.08 -0.63 11.02
C LEU A 349 19.72 -1.88 11.81
N PHE A 350 18.57 -2.46 11.49
CA PHE A 350 18.03 -3.65 12.12
C PHE A 350 18.89 -4.89 12.05
N LEU A 351 19.62 -5.05 10.96
CA LEU A 351 20.14 -6.36 10.56
C LEU A 351 21.64 -6.51 10.70
N SER A 352 22.32 -5.47 11.16
CA SER A 352 23.76 -5.52 11.19
C SER A 352 24.37 -5.92 12.55
N GLY A 353 25.71 -5.96 12.61
CA GLY A 353 26.46 -6.40 13.79
C GLY A 353 26.42 -5.46 14.98
N ASP A 354 27.45 -5.52 15.82
CA ASP A 354 27.70 -4.46 16.78
C ASP A 354 28.31 -3.34 15.96
N GLU A 355 28.43 -3.58 14.67
CA GLU A 355 29.11 -2.67 13.79
C GLU A 355 28.21 -1.48 13.44
N MET A 356 26.90 -1.70 13.54
CA MET A 356 25.92 -0.67 13.21
C MET A 356 25.50 0.11 14.44
N GLN A 357 26.13 -0.17 15.57
CA GLN A 357 25.69 0.36 16.85
C GLN A 357 25.93 1.84 16.97
N PRO A 358 27.17 2.30 16.66
CA PRO A 358 27.42 3.73 16.61
C PRO A 358 26.38 4.47 15.81
N LEU A 359 26.00 3.94 14.67
CA LEU A 359 25.14 4.70 13.80
C LEU A 359 23.68 4.71 14.26
N ARG A 360 23.28 3.76 15.10
CA ARG A 360 21.92 3.87 15.61
C ARG A 360 21.94 4.65 16.89
N ASP A 361 23.11 4.79 17.47
CA ASP A 361 23.30 5.68 18.60
C ASP A 361 23.17 7.14 18.19
N VAL A 362 23.61 7.50 16.99
CA VAL A 362 23.41 8.88 16.56
C VAL A 362 21.96 9.04 16.14
N LEU A 363 21.41 8.05 15.47
CA LEU A 363 20.03 8.11 15.07
C LEU A 363 19.11 8.34 16.28
N SER A 364 19.41 7.65 17.38
CA SER A 364 18.65 7.79 18.61
C SER A 364 18.75 9.20 19.12
N GLU A 365 19.91 9.80 18.89
CA GLU A 365 20.19 11.17 19.31
C GLU A 365 19.38 12.12 18.47
N LEU A 366 19.32 11.88 17.17
CA LEU A 366 18.58 12.76 16.28
C LEU A 366 17.08 12.58 16.48
N ILE A 367 16.62 11.34 16.64
CA ILE A 367 15.19 11.04 16.86
C ILE A 367 14.58 11.91 17.96
N ARG A 368 15.39 12.25 18.95
CA ARG A 368 15.00 13.05 20.12
C ARG A 368 14.40 14.41 19.80
N TYR A 369 14.72 14.95 18.62
CA TYR A 369 14.17 16.23 18.18
C TYR A 369 12.67 16.10 17.82
N ASP A 370 12.05 17.20 17.40
CA ASP A 370 10.69 17.11 16.89
C ASP A 370 10.68 16.95 15.38
N GLU A 371 11.47 17.78 14.71
CA GLU A 371 11.58 17.73 13.27
C GLU A 371 11.88 16.29 12.81
N VAL A 372 12.98 15.71 13.30
CA VAL A 372 13.38 14.33 12.99
C VAL A 372 12.31 13.27 13.31
N SER A 373 11.81 13.29 14.54
CA SER A 373 10.80 12.33 14.98
C SER A 373 9.57 12.39 14.08
N ARG A 374 9.13 13.61 13.73
CA ARG A 374 8.02 13.79 12.76
C ARG A 374 8.34 13.15 11.43
N HIS A 375 9.48 13.53 10.87
CA HIS A 375 9.92 13.12 9.53
C HIS A 375 9.87 11.61 9.27
N LEU A 376 10.44 10.83 10.18
CA LEU A 376 10.40 9.36 10.09
C LEU A 376 9.03 8.81 10.40
N ALA A 377 8.31 9.46 11.30
CA ALA A 377 6.94 9.03 11.56
C ALA A 377 6.11 9.30 10.30
N GLY A 378 6.39 10.43 9.64
CA GLY A 378 5.82 10.74 8.33
C GLY A 378 6.12 9.65 7.31
N MET A 379 7.42 9.38 7.12
CA MET A 379 7.90 8.40 6.14
C MET A 379 7.32 7.01 6.34
N VAL A 380 7.38 6.49 7.56
CA VAL A 380 6.87 5.15 7.86
C VAL A 380 5.36 5.03 7.68
N SER A 381 4.59 6.01 8.16
CA SER A 381 3.13 5.93 8.16
C SER A 381 2.53 6.14 6.77
N GLY A 382 3.33 6.73 5.87
CA GLY A 382 2.87 7.10 4.55
C GLY A 382 2.09 8.42 4.52
N LEU A 383 2.09 9.15 5.62
CA LEU A 383 1.32 10.39 5.73
C LEU A 383 2.04 11.61 5.15
N ASP A 384 3.29 11.44 4.76
CA ASP A 384 4.07 12.58 4.30
C ASP A 384 3.94 12.80 2.81
N ILE A 385 3.12 11.97 2.16
CA ILE A 385 2.96 12.00 0.70
C ILE A 385 2.30 13.28 0.20
N ARG A 386 3.06 14.03 -0.58
CA ARG A 386 2.55 15.21 -1.29
C ARG A 386 2.80 15.03 -2.77
N TYR A 387 1.72 15.03 -3.57
CA TYR A 387 1.86 14.95 -5.01
C TYR A 387 1.94 16.34 -5.62
N GLU A 388 2.58 16.42 -6.80
CA GLU A 388 2.52 17.60 -7.64
C GLU A 388 1.10 17.81 -8.12
N VAL A 389 0.50 18.95 -7.78
CA VAL A 389 -0.84 19.25 -8.29
C VAL A 389 -0.99 20.71 -8.79
N ASP A 390 -0.12 21.58 -8.29
CA ASP A 390 -0.30 23.03 -8.45
C ASP A 390 0.87 23.72 -7.74
N GLY A 391 1.49 24.69 -8.40
CA GLY A 391 2.67 25.37 -7.85
C GLY A 391 2.37 26.43 -6.80
N GLY A 392 1.46 26.11 -5.88
CA GLY A 392 0.94 27.07 -4.91
C GLY A 392 1.44 26.95 -3.48
N ASP A 393 1.23 28.03 -2.73
CA ASP A 393 1.71 28.22 -1.36
C ASP A 393 1.23 27.18 -0.32
N HIS A 394 -0.06 26.84 -0.36
CA HIS A 394 -0.75 26.10 0.73
C HIS A 394 -0.14 24.73 1.06
N PRO A 395 0.04 24.43 2.38
CA PRO A 395 0.70 23.23 2.88
C PRO A 395 -0.02 21.95 2.52
N LEU A 396 -1.36 22.00 2.53
CA LEU A 396 -2.19 20.80 2.32
C LEU A 396 -2.25 20.35 0.86
N LEU A 397 -2.04 21.27 -0.08
CA LEU A 397 -2.01 20.97 -1.53
C LEU A 397 -1.22 19.70 -1.87
N GLY A 398 -1.92 18.72 -2.41
CA GLY A 398 -1.30 17.49 -2.90
C GLY A 398 -1.09 16.43 -1.85
N MET A 399 -1.43 16.77 -0.61
CA MET A 399 -1.35 15.81 0.48
C MET A 399 -2.71 15.20 0.71
N ARG A 400 -2.78 14.25 1.64
CA ARG A 400 -4.01 13.56 1.98
C ARG A 400 -4.96 14.48 2.72
N MET A 401 -6.27 14.26 2.57
CA MET A 401 -7.28 15.01 3.31
C MET A 401 -7.54 14.33 4.67
N PRO A 402 -7.20 15.02 5.77
CA PRO A 402 -7.34 14.45 7.11
C PRO A 402 -8.80 14.32 7.50
N HIS A 403 -9.10 13.31 8.31
CA HIS A 403 -10.47 13.08 8.79
C HIS A 403 -10.92 14.29 9.59
N GLN A 404 -12.03 14.89 9.18
CA GLN A 404 -12.61 16.02 9.89
C GLN A 404 -14.13 15.90 9.83
N GLU A 405 -14.76 15.96 10.99
CA GLU A 405 -16.20 15.86 11.11
C GLU A 405 -16.83 17.15 10.59
N LEU A 406 -18.01 17.01 9.97
CA LEU A 406 -18.67 18.12 9.26
C LEU A 406 -20.15 18.23 9.63
N VAL A 407 -20.70 19.43 9.51
CA VAL A 407 -22.11 19.68 9.82
C VAL A 407 -22.92 19.84 8.54
N ARG A 408 -23.62 18.77 8.15
CA ARG A 408 -24.46 18.73 6.95
C ARG A 408 -25.86 19.21 7.37
N ALA A 409 -26.73 19.51 6.40
CA ALA A 409 -28.06 20.08 6.68
C ALA A 409 -28.79 19.39 7.83
N HIS A 410 -29.28 18.17 7.62
CA HIS A 410 -29.77 17.35 8.74
C HIS A 410 -28.79 16.19 8.95
N GLY A 411 -28.09 16.24 10.08
CA GLY A 411 -27.11 15.21 10.43
C GLY A 411 -25.66 15.65 10.26
N LYS A 412 -24.80 15.07 11.10
CA LYS A 412 -23.35 15.23 10.98
C LYS A 412 -22.81 14.16 10.03
N THR A 413 -21.65 14.43 9.43
CA THR A 413 -20.96 13.48 8.56
C THR A 413 -19.47 13.79 8.59
N SER A 414 -18.67 13.03 7.84
CA SER A 414 -17.24 13.18 7.92
C SER A 414 -16.57 13.22 6.56
N THR A 415 -15.53 14.04 6.44
CA THR A 415 -14.65 14.02 5.27
C THR A 415 -14.45 12.58 4.79
N THR A 416 -14.25 11.66 5.73
CA THR A 416 -13.95 10.27 5.42
C THR A 416 -15.16 9.58 4.81
N GLU A 417 -16.34 9.85 5.35
CA GLU A 417 -17.55 9.23 4.80
C GLU A 417 -18.01 9.72 3.44
N LEU A 418 -17.70 10.98 3.11
CA LEU A 418 -18.03 11.49 1.79
C LEU A 418 -17.22 10.82 0.69
N LEU A 419 -16.16 10.10 1.06
CA LEU A 419 -15.34 9.44 0.06
C LEU A 419 -15.75 7.98 -0.19
N HIS A 420 -16.66 7.48 0.62
CA HIS A 420 -17.24 6.14 0.43
C HIS A 420 -17.58 5.82 -1.03
N PRO A 421 -18.24 6.76 -1.75
CA PRO A 421 -18.57 6.42 -3.14
C PRO A 421 -17.41 6.53 -4.15
N ALA A 422 -16.32 7.23 -3.81
CA ALA A 422 -15.15 7.31 -4.71
C ALA A 422 -15.33 8.20 -5.93
N ARG A 423 -16.27 9.13 -5.85
CA ARG A 423 -16.30 10.27 -6.73
C ARG A 423 -15.47 11.35 -6.03
N GLY A 424 -15.16 12.45 -6.74
CA GLY A 424 -14.46 13.58 -6.11
C GLY A 424 -15.38 14.27 -5.11
N VAL A 425 -14.80 14.97 -4.15
CA VAL A 425 -15.59 15.80 -3.24
C VAL A 425 -15.14 17.25 -3.28
N LEU A 426 -16.09 18.13 -3.59
CA LEU A 426 -15.89 19.58 -3.50
C LEU A 426 -16.59 20.08 -2.27
N LEU A 427 -15.80 20.70 -1.40
CA LEU A 427 -16.26 21.05 -0.08
C LEU A 427 -16.44 22.55 0.06
N ASP A 428 -17.68 22.99 -0.12
CA ASP A 428 -18.04 24.39 0.09
C ASP A 428 -18.30 24.62 1.56
N ILE A 429 -17.42 25.36 2.21
CA ILE A 429 -17.53 25.64 3.64
C ILE A 429 -18.01 27.07 3.92
N ALA A 430 -17.56 28.00 3.08
CA ALA A 430 -17.85 29.42 3.27
C ALA A 430 -19.24 29.82 2.72
N ASP A 431 -19.87 28.89 2.01
CA ASP A 431 -21.11 29.15 1.26
C ASP A 431 -20.85 30.19 0.17
N ASP A 432 -20.28 29.71 -0.94
CA ASP A 432 -20.05 30.54 -2.12
C ASP A 432 -20.68 29.87 -3.34
N ALA A 433 -21.83 30.39 -3.78
CA ALA A 433 -22.52 29.87 -4.95
C ALA A 433 -21.65 29.95 -6.21
N GLU A 434 -20.73 30.93 -6.22
CA GLU A 434 -19.77 31.08 -7.33
C GLU A 434 -18.96 29.80 -7.60
N VAL A 435 -18.57 29.12 -6.52
CA VAL A 435 -17.79 27.90 -6.67
C VAL A 435 -18.67 26.70 -7.11
N ARG A 436 -19.87 26.60 -6.53
CA ARG A 436 -20.79 25.50 -6.86
C ARG A 436 -21.32 25.63 -8.29
N GLU A 437 -21.06 26.78 -8.90
CA GLU A 437 -21.48 27.04 -10.26
C GLU A 437 -20.41 26.61 -11.25
N ALA A 438 -19.19 27.09 -11.04
CA ALA A 438 -18.07 26.74 -11.90
C ALA A 438 -18.00 25.23 -12.03
N ALA A 439 -18.39 24.54 -10.96
CA ALA A 439 -18.31 23.09 -10.89
C ALA A 439 -19.55 22.37 -11.40
N THR A 440 -20.65 23.09 -11.63
CA THR A 440 -21.88 22.42 -12.07
C THR A 440 -21.63 21.42 -13.21
N GLY A 441 -20.68 21.75 -14.10
CA GLY A 441 -20.39 20.93 -15.27
C GLY A 441 -19.70 19.61 -14.96
N TRP A 442 -19.54 19.35 -13.67
CA TRP A 442 -18.81 18.19 -13.18
C TRP A 442 -19.61 17.49 -12.07
N SER A 443 -20.82 17.96 -11.82
CA SER A 443 -21.60 17.44 -10.71
C SER A 443 -21.92 15.97 -10.91
N ASP A 444 -21.73 15.49 -12.14
CA ASP A 444 -21.83 14.07 -12.47
C ASP A 444 -20.67 13.25 -11.90
N ARG A 445 -19.54 13.91 -11.66
CA ARG A 445 -18.30 13.23 -11.28
C ARG A 445 -17.75 13.62 -9.90
N VAL A 446 -18.13 14.83 -9.46
CA VAL A 446 -17.76 15.41 -8.15
C VAL A 446 -19.03 15.62 -7.32
N ASP A 447 -18.98 15.23 -6.05
CA ASP A 447 -20.09 15.50 -5.14
C ASP A 447 -19.92 16.84 -4.47
N ILE A 448 -20.74 17.79 -4.90
CA ILE A 448 -20.71 19.13 -4.35
C ILE A 448 -21.40 19.06 -3.01
N VAL A 449 -20.63 19.36 -1.96
CA VAL A 449 -21.14 19.29 -0.61
C VAL A 449 -20.86 20.61 0.07
N THR A 450 -21.88 21.15 0.71
CA THR A 450 -21.76 22.37 1.46
C THR A 450 -22.07 22.07 2.92
N ALA A 451 -21.05 22.27 3.76
CA ALA A 451 -21.14 22.01 5.19
C ALA A 451 -20.15 22.88 5.98
N SER A 452 -20.27 22.87 7.31
CA SER A 452 -19.33 23.58 8.16
C SER A 452 -18.52 22.57 9.00
N LEU A 453 -17.43 23.05 9.60
CA LEU A 453 -16.54 22.18 10.37
C LEU A 453 -17.11 21.97 11.75
N HIS A 454 -16.90 20.77 12.32
CA HIS A 454 -17.43 20.44 13.64
C HIS A 454 -16.44 20.68 14.79
N ASP A 455 -15.65 19.66 15.13
CA ASP A 455 -14.64 19.79 16.18
C ASP A 455 -13.24 19.97 15.60
N ALA A 456 -13.05 21.05 14.87
CA ALA A 456 -11.74 21.39 14.32
C ALA A 456 -10.84 21.99 15.38
N PRO A 457 -9.54 21.76 15.25
CA PRO A 457 -8.55 22.31 16.19
C PRO A 457 -8.15 23.73 15.82
N PRO A 458 -8.54 24.70 16.64
CA PRO A 458 -8.95 26.02 16.13
C PRO A 458 -7.93 26.60 15.16
N GLN A 459 -6.71 26.07 15.20
CA GLN A 459 -5.68 26.48 14.25
C GLN A 459 -5.16 25.29 13.46
N GLY A 460 -6.06 24.64 12.71
CA GLY A 460 -5.70 23.46 11.94
C GLY A 460 -5.56 23.76 10.46
N PRO A 461 -5.45 22.71 9.66
CA PRO A 461 -5.14 22.85 8.23
C PRO A 461 -6.31 23.41 7.40
N LEU A 462 -7.51 23.38 7.96
CA LEU A 462 -8.69 23.85 7.25
C LEU A 462 -9.12 25.27 7.69
N SER A 463 -8.43 25.82 8.69
CA SER A 463 -8.63 27.20 9.09
C SER A 463 -8.42 28.11 7.89
N ASP A 464 -9.33 29.06 7.72
CA ASP A 464 -9.29 30.04 6.63
C ASP A 464 -9.37 29.40 5.22
N ALA A 465 -10.08 28.28 5.12
CA ALA A 465 -10.28 27.63 3.82
C ALA A 465 -11.75 27.68 3.40
N ARG A 466 -12.01 28.36 2.29
CA ARG A 466 -13.37 28.50 1.77
C ARG A 466 -13.84 27.20 1.12
N ALA A 467 -12.97 26.58 0.33
CA ALA A 467 -13.31 25.39 -0.46
C ALA A 467 -12.12 24.48 -0.73
N VAL A 468 -12.39 23.18 -0.91
CA VAL A 468 -11.34 22.21 -1.23
C VAL A 468 -11.81 21.15 -2.23
N LEU A 469 -10.95 20.82 -3.20
CA LEU A 469 -11.26 19.75 -4.14
C LEU A 469 -10.46 18.52 -3.78
N VAL A 470 -11.17 17.44 -3.43
CA VAL A 470 -10.54 16.20 -2.97
C VAL A 470 -10.72 15.13 -4.02
N ARG A 471 -9.63 14.59 -4.56
CA ARG A 471 -9.72 13.50 -5.53
C ARG A 471 -10.38 12.26 -4.89
N PRO A 472 -10.83 11.30 -5.70
CA PRO A 472 -11.40 10.05 -5.17
C PRO A 472 -10.48 9.25 -4.23
N ASP A 473 -9.16 9.35 -4.41
CA ASP A 473 -8.20 8.71 -3.50
C ASP A 473 -7.97 9.51 -2.23
N GLY A 474 -8.70 10.62 -2.11
CA GLY A 474 -8.71 11.41 -0.88
C GLY A 474 -7.57 12.38 -0.71
N TYR A 475 -6.81 12.59 -1.78
CA TYR A 475 -5.76 13.60 -1.80
C TYR A 475 -6.36 14.92 -2.24
N VAL A 476 -5.81 16.03 -1.77
CA VAL A 476 -6.32 17.34 -2.13
C VAL A 476 -5.74 17.82 -3.46
N ALA A 477 -6.60 18.21 -4.39
CA ALA A 477 -6.17 18.66 -5.72
C ALA A 477 -6.15 20.18 -5.91
N TRP A 478 -7.02 20.87 -5.18
CA TRP A 478 -7.18 22.33 -5.30
C TRP A 478 -7.77 22.89 -4.00
N ILE A 479 -7.27 24.04 -3.58
CA ILE A 479 -7.69 24.66 -2.31
C ILE A 479 -7.82 26.19 -2.43
N SER A 480 -8.93 26.74 -1.93
CA SER A 480 -9.06 28.19 -1.83
C SER A 480 -8.95 28.64 -0.38
N PRO A 481 -7.91 29.41 -0.07
CA PRO A 481 -7.14 30.13 -1.10
C PRO A 481 -5.87 29.38 -1.47
N GLY A 482 -5.14 29.89 -2.46
CA GLY A 482 -3.71 29.64 -2.57
C GLY A 482 -3.40 28.50 -3.51
N SER A 483 -4.07 28.47 -4.66
CA SER A 483 -3.65 27.66 -5.78
C SER A 483 -3.43 28.50 -7.03
N ARG A 484 -2.34 28.23 -7.74
CA ARG A 484 -2.06 28.89 -9.01
C ARG A 484 -3.28 28.84 -9.92
N ALA A 485 -3.88 27.66 -10.03
CA ALA A 485 -4.93 27.43 -11.02
C ALA A 485 -6.32 27.64 -10.42
N GLY A 486 -7.28 28.01 -11.26
CA GLY A 486 -8.67 28.11 -10.85
C GLY A 486 -9.27 26.72 -10.80
N LEU A 487 -10.47 26.60 -10.23
CA LEU A 487 -11.15 25.32 -10.08
C LEU A 487 -11.41 24.65 -11.44
N THR A 488 -11.73 25.45 -12.43
CA THR A 488 -11.99 24.97 -13.78
C THR A 488 -10.81 24.12 -14.29
N GLU A 489 -9.61 24.71 -14.27
CA GLU A 489 -8.37 24.04 -14.70
C GLU A 489 -8.16 22.75 -13.92
N ALA A 490 -8.49 22.80 -12.63
CA ALA A 490 -8.26 21.70 -11.70
C ALA A 490 -9.17 20.53 -11.97
N LEU A 491 -10.47 20.79 -12.16
CA LEU A 491 -11.42 19.72 -12.40
C LEU A 491 -11.16 19.01 -13.72
N ASP A 492 -10.87 19.80 -14.75
CA ASP A 492 -10.51 19.29 -16.07
C ASP A 492 -9.27 18.40 -15.98
N ARG A 493 -8.32 18.76 -15.12
CA ARG A 493 -7.09 17.99 -14.96
C ARG A 493 -7.35 16.57 -14.46
N TRP A 494 -8.29 16.42 -13.51
CA TRP A 494 -8.46 15.15 -12.78
C TRP A 494 -9.74 14.38 -13.12
N PHE A 495 -10.74 15.07 -13.64
CA PHE A 495 -12.03 14.43 -13.88
C PHE A 495 -12.44 14.45 -15.36
N GLY A 496 -11.81 15.32 -16.15
CA GLY A 496 -12.06 15.34 -17.58
C GLY A 496 -12.74 16.63 -17.98
N PRO A 497 -13.13 16.73 -19.25
CA PRO A 497 -13.72 17.97 -19.77
C PRO A 497 -15.02 18.32 -19.07
N ALA A 498 -15.40 19.60 -19.12
CA ALA A 498 -16.71 20.03 -18.64
C ALA A 498 -17.83 19.39 -19.45
N ARG A 499 -18.91 19.03 -18.77
CA ARG A 499 -20.02 18.33 -19.42
C ARG A 499 -20.89 19.28 -20.23
PA FAD B . 1.32 -10.71 -3.56
O1A FAD B . 0.71 -10.58 -2.16
O2A FAD B . 2.61 -11.48 -3.67
O5B FAD B . 0.20 -11.46 -4.45
C5B FAD B . 0.41 -11.72 -5.81
C4B FAD B . -0.58 -12.77 -6.24
O4B FAD B . -0.46 -12.98 -7.61
C3B FAD B . -0.33 -14.11 -5.56
O3B FAD B . -1.49 -14.47 -4.84
C2B FAD B . -0.10 -15.07 -6.70
O2B FAD B . -0.77 -16.28 -6.52
C1B FAD B . -0.69 -14.33 -7.89
N9A FAD B . 0.05 -14.62 -9.11
C8A FAD B . 1.40 -14.52 -9.33
N7A FAD B . 1.65 -14.87 -10.62
C5A FAD B . 0.48 -15.16 -11.20
C6A FAD B . 0.14 -15.56 -12.48
N6A FAD B . 1.10 -15.99 -13.30
N1A FAD B . -1.18 -15.79 -12.80
C2A FAD B . -2.17 -15.63 -11.85
N3A FAD B . -1.84 -15.24 -10.58
C4A FAD B . -0.54 -15.01 -10.27
N1 FAD B . 4.32 -5.67 4.19
C2 FAD B . 3.79 -4.72 5.04
O2 FAD B . 3.17 -3.76 4.58
N3 FAD B . 3.97 -4.88 6.40
C4 FAD B . 4.65 -5.98 6.88
O4 FAD B . 4.81 -6.12 8.08
C4X FAD B . 5.19 -6.93 6.00
N5 FAD B . 5.91 -8.05 6.48
C5X FAD B . 6.43 -8.99 5.60
C6 FAD B . 7.14 -10.10 6.07
C7 FAD B . 7.67 -11.04 5.18
C7M FAD B . 8.82 -11.89 5.64
C8 FAD B . 7.49 -10.87 3.80
C8M FAD B . 7.99 -11.89 2.81
C9 FAD B . 6.77 -9.76 3.34
C9A FAD B . 6.24 -8.82 4.23
N10 FAD B . 5.54 -7.71 3.76
C10 FAD B . 5.02 -6.77 4.64
C1' FAD B . 5.47 -7.45 2.27
C2' FAD B . 4.12 -7.85 1.74
O2' FAD B . 3.91 -9.18 2.15
C3' FAD B . 4.00 -7.73 0.22
O3' FAD B . 4.18 -6.40 -0.16
C4' FAD B . 2.60 -8.06 -0.24
O4' FAD B . 2.04 -9.11 0.55
C5' FAD B . 2.58 -8.38 -1.73
O5' FAD B . 1.68 -7.51 -2.39
P FAD B . 0.97 -7.90 -3.79
O1P FAD B . 1.40 -6.89 -4.83
O2P FAD B . -0.54 -8.06 -3.56
O3P FAD B . 1.62 -9.30 -4.26
#